data_8Y56
#
_entry.id   8Y56
#
_cell.length_a   1.00
_cell.length_b   1.00
_cell.length_c   1.00
_cell.angle_alpha   90.00
_cell.angle_beta   90.00
_cell.angle_gamma   90.00
#
_symmetry.space_group_name_H-M   'P 1'
#
loop_
_entity.id
_entity.type
_entity.pdbx_description
1 polymer 'Lysosomal cholesterol signaling protein'
2 non-polymer 'SODIUM ION'
3 non-polymer CHOLESTEROL
4 non-polymer '[(2R)-1-[2-azanylethoxy(oxidanyl)phosphoryl]oxy-3-hexadecanoyloxy-propan-2-yl] octadecanoate'
5 water water
#
_entity_poly.entity_id   1
_entity_poly.type   'polypeptide(L)'
_entity_poly.pdbx_seq_one_letter_code
;MKTIIALSYIFCLVFADYKDDDDKPTAVTHGFNSTNDPPSMSITRLFPALLECFGIVLCGYIAGRANVITSTQAKGLGNF
VSRFALPALLFKNMVVLNFSNVDWSFLYSILIAKASVFFIVCVLTLLVASPDSRFSKAGLFPIFATQSNDFALGYPIVEA
LYQTTYPEYLQYIYLVAPISLMMLNPIGFIFCEIQKWKDTQNASQNKIKIVGLGLLRVLQNPIVFMVFIGIAFNFILDRK
VPVYVENFLDGLGNSFSGSALFYLGLTMVGKIKRLKKSAFVVLILLITAKLLVLPLLCREMVELLDKGDSVVNHTSLSNY
AFLYGVFPVAPGVAIFATQFNMEVEIITSGMVISTFVSAPIMYVSAWLLTFPTMDPKPLAYAIQNVSFDISIVSLISLIW
SLAILLLSKKYKQLPHMLTTNLLIAQSIVCAGMMIWNFVKEKNFVGQILVFVLLYSSLYSTYLWTGLLAISLFLLKKRER
VQIPVGIIIISGWGIPALLVGVLLITGKHNGDSIDSAFFYGKEQMITTAVTLFCSILIAGISLMCMNQTAQAGSYEGFDQ
SQSHKVVEPGNTAFEESPAPVNEPELFTSSIPETSCCSCSMGNGELHCPSIEPIANTSTSEPVIPSFEKNNHCVSRCNSQ
SCILAQEEEQYLQSGDQQLTRHVLLCLLLIIGLFANLSSCLWWLFNQEPGRLYVELQFFCAVFNFGQGFISFGIFGLDKH
LIILPFKRRLEFLWNNKDTAENRDSPVSEEIKMTCQQFIHYHRDLCIRNIVKERRCGAKTSAGTFCGCDLVSWLIEVGLA
SDRGEAVIYGDRLVQGGVIQHITNEYEFRDEYLFYRFLQK
;
_entity_poly.pdbx_strand_id   R
#
# COMPACT_ATOMS: atom_id res chain seq x y z
N PRO A 39 -13.25 -17.82 9.63
CA PRO A 39 -12.69 -16.53 9.21
C PRO A 39 -13.43 -15.94 8.01
N SER A 40 -13.78 -16.80 7.05
CA SER A 40 -14.51 -16.45 5.83
C SER A 40 -13.74 -15.50 4.93
N MET A 41 -12.43 -15.32 5.16
CA MET A 41 -11.62 -14.49 4.29
C MET A 41 -10.27 -15.10 3.94
N SER A 42 -9.76 -16.05 4.73
CA SER A 42 -8.42 -16.62 4.55
C SER A 42 -7.37 -15.52 4.54
N ILE A 43 -7.39 -14.70 5.60
CA ILE A 43 -6.54 -13.52 5.66
C ILE A 43 -5.07 -13.91 5.78
N THR A 44 -4.78 -15.12 6.25
CA THR A 44 -3.39 -15.53 6.44
C THR A 44 -2.67 -15.70 5.11
N ARG A 45 -3.39 -16.00 4.04
CA ARG A 45 -2.77 -16.16 2.73
C ARG A 45 -2.67 -14.85 1.96
N LEU A 46 -3.09 -13.73 2.54
CA LEU A 46 -2.97 -12.45 1.86
C LEU A 46 -1.51 -12.04 1.68
N PHE A 47 -0.73 -12.09 2.77
CA PHE A 47 0.66 -11.63 2.73
C PHE A 47 1.53 -12.41 1.75
N PRO A 48 1.50 -13.75 1.70
CA PRO A 48 2.27 -14.44 0.64
C PRO A 48 1.82 -14.06 -0.76
N ALA A 49 0.53 -13.81 -0.96
CA ALA A 49 0.05 -13.40 -2.27
C ALA A 49 0.59 -12.02 -2.66
N LEU A 50 0.61 -11.10 -1.70
CA LEU A 50 1.08 -9.74 -2.00
C LEU A 50 2.56 -9.73 -2.35
N LEU A 51 3.36 -10.54 -1.66
CA LEU A 51 4.77 -10.64 -1.99
C LEU A 51 4.97 -11.21 -3.39
N GLU A 52 4.23 -12.27 -3.72
CA GLU A 52 4.37 -12.89 -5.03
C GLU A 52 3.97 -11.94 -6.14
N CYS A 53 2.90 -11.18 -5.93
CA CYS A 53 2.43 -10.25 -6.95
C CYS A 53 3.41 -9.08 -7.12
N PHE A 54 3.82 -8.48 -6.01
CA PHE A 54 4.71 -7.33 -6.09
C PHE A 54 6.16 -7.76 -6.22
N GLY A 55 6.45 -9.04 -6.02
CA GLY A 55 7.77 -9.56 -6.35
C GLY A 55 8.02 -9.57 -7.84
N ILE A 56 7.02 -9.97 -8.63
CA ILE A 56 7.17 -9.99 -10.08
C ILE A 56 7.28 -8.57 -10.62
N VAL A 57 6.50 -7.65 -10.06
CA VAL A 57 6.59 -6.24 -10.46
C VAL A 57 7.97 -5.69 -10.14
N LEU A 58 8.47 -5.97 -8.94
CA LEU A 58 9.81 -5.51 -8.56
C LEU A 58 10.88 -6.17 -9.42
N CYS A 59 10.71 -7.47 -9.72
CA CYS A 59 11.67 -8.14 -10.58
C CYS A 59 11.68 -7.54 -11.98
N GLY A 60 10.50 -7.17 -12.48
CA GLY A 60 10.44 -6.50 -13.77
C GLY A 60 11.12 -5.15 -13.75
N TYR A 61 10.92 -4.39 -12.67
CA TYR A 61 11.57 -3.09 -12.55
C TYR A 61 13.09 -3.24 -12.47
N ILE A 62 13.56 -4.21 -11.70
CA ILE A 62 15.00 -4.46 -11.59
C ILE A 62 15.57 -4.90 -12.93
N ALA A 63 14.85 -5.80 -13.62
CA ALA A 63 15.30 -6.25 -14.94
C ALA A 63 15.32 -5.10 -15.93
N GLY A 64 14.31 -4.23 -15.88
CA GLY A 64 14.30 -3.07 -16.74
C GLY A 64 15.40 -2.07 -16.42
N ARG A 65 15.62 -1.81 -15.13
CA ARG A 65 16.66 -0.87 -14.73
C ARG A 65 18.04 -1.38 -15.09
N ALA A 66 18.28 -2.68 -14.89
CA ALA A 66 19.58 -3.28 -15.20
C ALA A 66 19.74 -3.58 -16.68
N ASN A 67 18.75 -3.26 -17.51
CA ASN A 67 18.75 -3.48 -18.95
C ASN A 67 18.97 -4.96 -19.28
N VAL A 68 18.42 -5.87 -18.47
CA VAL A 68 18.42 -7.28 -18.83
C VAL A 68 17.47 -7.52 -20.00
N ILE A 69 16.33 -6.85 -19.99
CA ILE A 69 15.33 -6.96 -21.05
C ILE A 69 15.46 -5.74 -21.94
N THR A 70 15.72 -5.97 -23.23
CA THR A 70 15.86 -4.88 -24.18
C THR A 70 14.50 -4.27 -24.51
N SER A 71 14.54 -3.16 -25.23
CA SER A 71 13.30 -2.49 -25.61
C SER A 71 12.48 -3.35 -26.57
N THR A 72 13.14 -4.03 -27.50
CA THR A 72 12.42 -4.85 -28.47
C THR A 72 11.77 -6.05 -27.80
N GLN A 73 12.38 -6.55 -26.72
CA GLN A 73 11.75 -7.63 -25.96
C GLN A 73 10.60 -7.12 -25.12
N ALA A 74 10.69 -5.86 -24.68
CA ALA A 74 9.61 -5.28 -23.87
C ALA A 74 8.31 -5.20 -24.67
N LYS A 75 8.38 -4.76 -25.92
CA LYS A 75 7.17 -4.72 -26.76
C LYS A 75 6.74 -6.13 -27.14
N GLY A 76 7.70 -7.05 -27.27
CA GLY A 76 7.35 -8.43 -27.56
C GLY A 76 6.59 -9.08 -26.41
N LEU A 77 6.98 -8.76 -25.19
CA LEU A 77 6.21 -9.21 -24.03
C LEU A 77 4.95 -8.37 -23.86
N GLY A 78 5.05 -7.08 -24.17
CA GLY A 78 3.91 -6.19 -23.96
C GLY A 78 2.72 -6.52 -24.85
N ASN A 79 2.98 -6.78 -26.14
CA ASN A 79 1.88 -7.04 -27.06
C ASN A 79 1.31 -8.43 -26.85
N PHE A 80 2.13 -9.39 -26.43
CA PHE A 80 1.65 -10.73 -26.17
C PHE A 80 0.61 -10.73 -25.05
N VAL A 81 0.88 -9.96 -23.99
CA VAL A 81 -0.08 -9.85 -22.89
C VAL A 81 -1.38 -9.23 -23.38
N SER A 82 -1.29 -8.16 -24.16
CA SER A 82 -2.48 -7.43 -24.59
C SER A 82 -3.23 -8.15 -25.71
N ARG A 83 -2.56 -9.03 -26.45
CA ARG A 83 -3.19 -9.66 -27.61
C ARG A 83 -3.47 -11.15 -27.41
N PHE A 84 -2.65 -11.87 -26.67
CA PHE A 84 -2.84 -13.31 -26.53
C PHE A 84 -3.25 -13.69 -25.11
N ALA A 85 -2.47 -13.27 -24.12
CA ALA A 85 -2.70 -13.69 -22.74
C ALA A 85 -4.04 -13.19 -22.21
N LEU A 86 -4.33 -11.91 -22.44
CA LEU A 86 -5.53 -11.31 -21.89
C LEU A 86 -6.80 -11.76 -22.61
N PRO A 87 -6.90 -11.66 -23.94
CA PRO A 87 -8.13 -12.11 -24.61
C PRO A 87 -8.45 -13.58 -24.36
N ALA A 88 -7.44 -14.43 -24.26
CA ALA A 88 -7.68 -15.83 -23.95
C ALA A 88 -8.21 -15.98 -22.53
N LEU A 89 -7.69 -15.19 -21.60
CA LEU A 89 -8.18 -15.22 -20.22
C LEU A 89 -9.63 -14.75 -20.13
N LEU A 90 -9.95 -13.66 -20.81
CA LEU A 90 -11.30 -13.11 -20.76
C LEU A 90 -12.30 -14.04 -21.43
N PHE A 91 -11.93 -14.59 -22.59
CA PHE A 91 -12.82 -15.49 -23.29
C PHE A 91 -13.09 -16.75 -22.47
N LYS A 92 -12.05 -17.30 -21.84
CA LYS A 92 -12.18 -18.55 -21.10
C LYS A 92 -13.19 -18.43 -19.97
N ASN A 93 -13.14 -17.33 -19.22
CA ASN A 93 -13.98 -17.20 -18.03
C ASN A 93 -15.44 -16.95 -18.40
N MET A 94 -15.68 -16.09 -19.39
CA MET A 94 -17.06 -15.69 -19.67
C MET A 94 -17.83 -16.75 -20.44
N VAL A 95 -17.15 -17.58 -21.24
CA VAL A 95 -17.85 -18.62 -22.00
C VAL A 95 -18.41 -19.70 -21.10
N VAL A 96 -17.76 -19.97 -19.97
CA VAL A 96 -18.23 -20.98 -19.02
C VAL A 96 -18.93 -20.36 -17.82
N LEU A 97 -19.14 -19.06 -17.81
CA LEU A 97 -19.75 -18.40 -16.66
C LEU A 97 -21.26 -18.64 -16.66
N ASN A 98 -21.80 -18.98 -15.50
CA ASN A 98 -23.22 -19.30 -15.35
C ASN A 98 -23.96 -18.03 -14.92
N PHE A 99 -24.64 -17.40 -15.87
CA PHE A 99 -25.37 -16.17 -15.58
C PHE A 99 -26.61 -16.41 -14.73
N SER A 100 -27.06 -17.67 -14.62
CA SER A 100 -28.27 -17.95 -13.84
C SER A 100 -28.04 -17.72 -12.35
N ASN A 101 -26.83 -18.04 -11.86
CA ASN A 101 -26.52 -17.97 -10.44
C ASN A 101 -25.76 -16.70 -10.07
N VAL A 102 -25.65 -15.75 -10.97
CA VAL A 102 -24.90 -14.51 -10.71
C VAL A 102 -25.74 -13.61 -9.82
N ASP A 103 -25.15 -13.16 -8.71
CA ASP A 103 -25.80 -12.20 -7.81
C ASP A 103 -25.60 -10.80 -8.38
N TRP A 104 -26.62 -10.34 -9.10
CA TRP A 104 -26.54 -9.05 -9.76
C TRP A 104 -26.62 -7.89 -8.77
N SER A 105 -27.03 -8.14 -7.54
CA SER A 105 -27.13 -7.08 -6.54
C SER A 105 -25.76 -6.50 -6.24
N PHE A 106 -24.73 -7.36 -6.20
CA PHE A 106 -23.37 -6.87 -5.96
C PHE A 106 -22.89 -6.00 -7.13
N LEU A 107 -23.32 -6.32 -8.34
CA LEU A 107 -22.93 -5.53 -9.51
C LEU A 107 -23.40 -4.08 -9.40
N TYR A 108 -24.68 -3.88 -9.11
CA TYR A 108 -25.22 -2.53 -9.12
C TYR A 108 -24.63 -1.69 -8.00
N SER A 109 -24.30 -2.32 -6.88
CA SER A 109 -23.65 -1.62 -5.78
C SER A 109 -22.27 -1.10 -6.18
N ILE A 110 -21.50 -1.94 -6.87
CA ILE A 110 -20.16 -1.53 -7.31
C ILE A 110 -20.27 -0.50 -8.43
N LEU A 111 -21.18 -0.72 -9.38
CA LEU A 111 -21.31 0.18 -10.53
C LEU A 111 -21.75 1.57 -10.09
N ILE A 112 -22.71 1.65 -9.18
CA ILE A 112 -23.17 2.96 -8.70
C ILE A 112 -22.08 3.62 -7.88
N ALA A 113 -21.35 2.84 -7.08
CA ALA A 113 -20.23 3.39 -6.32
C ALA A 113 -19.15 3.94 -7.25
N LYS A 114 -18.91 3.23 -8.35
CA LYS A 114 -17.94 3.71 -9.32
C LYS A 114 -18.52 4.93 -10.02
N ALA A 115 -19.79 4.85 -10.41
CA ALA A 115 -20.42 5.98 -11.09
C ALA A 115 -20.44 7.22 -10.21
N SER A 116 -20.68 7.04 -8.91
CA SER A 116 -20.71 8.17 -7.99
C SER A 116 -19.34 8.84 -7.91
N VAL A 117 -18.27 8.05 -7.82
CA VAL A 117 -16.92 8.61 -7.79
C VAL A 117 -16.61 9.30 -9.11
N PHE A 118 -17.03 8.68 -10.21
CA PHE A 118 -16.82 9.28 -11.53
C PHE A 118 -17.49 10.64 -11.62
N PHE A 119 -18.74 10.74 -11.18
CA PHE A 119 -19.48 11.99 -11.27
C PHE A 119 -18.87 13.06 -10.35
N ILE A 120 -18.46 12.65 -9.14
CA ILE A 120 -17.90 13.60 -8.19
C ILE A 120 -16.60 14.19 -8.73
N VAL A 121 -15.70 13.33 -9.22
CA VAL A 121 -14.42 13.80 -9.71
C VAL A 121 -14.61 14.64 -10.97
N CYS A 122 -15.48 14.18 -11.88
CA CYS A 122 -15.66 14.89 -13.15
C CYS A 122 -16.21 16.29 -12.93
N VAL A 123 -17.21 16.44 -12.06
CA VAL A 123 -17.80 17.75 -11.81
C VAL A 123 -16.78 18.66 -11.13
N LEU A 124 -16.07 18.15 -10.12
CA LEU A 124 -15.13 18.98 -9.37
C LEU A 124 -13.97 19.42 -10.24
N THR A 125 -13.46 18.54 -11.10
CA THR A 125 -12.35 18.91 -11.97
C THR A 125 -12.83 19.81 -13.11
N LEU A 126 -14.14 19.83 -13.36
CA LEU A 126 -14.68 20.77 -14.34
C LEU A 126 -14.79 22.17 -13.77
N LEU A 127 -15.10 22.30 -12.48
CA LEU A 127 -15.36 23.60 -11.87
C LEU A 127 -14.11 24.42 -11.61
N VAL A 128 -13.00 23.78 -11.21
CA VAL A 128 -11.83 24.52 -10.75
C VAL A 128 -10.56 24.18 -11.52
N ALA A 129 -10.66 23.66 -12.73
CA ALA A 129 -9.48 23.48 -13.57
C ALA A 129 -9.36 24.61 -14.57
N SER A 130 -8.14 24.80 -15.09
CA SER A 130 -7.90 25.83 -16.07
C SER A 130 -8.64 25.51 -17.37
N PRO A 131 -9.29 26.50 -17.99
CA PRO A 131 -10.08 26.22 -19.21
C PRO A 131 -9.27 25.65 -20.36
N ASP A 132 -7.98 25.93 -20.44
CA ASP A 132 -7.18 25.45 -21.57
C ASP A 132 -7.09 23.93 -21.58
N SER A 133 -7.01 23.32 -20.40
CA SER A 133 -6.89 21.87 -20.26
C SER A 133 -7.93 21.37 -19.25
N ARG A 134 -9.17 21.82 -19.43
CA ARG A 134 -10.26 21.47 -18.52
C ARG A 134 -10.99 20.20 -18.92
N PHE A 135 -11.18 19.96 -20.22
CA PHE A 135 -11.89 18.77 -20.66
C PHE A 135 -10.98 17.56 -20.72
N SER A 136 -9.69 17.77 -20.95
CA SER A 136 -8.74 16.66 -20.88
C SER A 136 -8.67 16.11 -19.46
N LYS A 137 -8.63 16.99 -18.47
CA LYS A 137 -8.66 16.55 -17.08
C LYS A 137 -9.99 15.90 -16.72
N ALA A 138 -11.09 16.48 -17.20
CA ALA A 138 -12.41 15.93 -16.89
C ALA A 138 -12.65 14.57 -17.52
N GLY A 139 -11.82 14.15 -18.47
CA GLY A 139 -11.97 12.84 -19.07
C GLY A 139 -11.12 11.77 -18.42
N LEU A 140 -9.82 12.02 -18.29
CA LEU A 140 -8.90 11.00 -17.79
C LEU A 140 -8.98 10.85 -16.27
N PHE A 141 -9.12 11.96 -15.56
CA PHE A 141 -9.07 11.92 -14.10
C PHE A 141 -10.21 11.09 -13.50
N PRO A 142 -11.47 11.24 -13.94
CA PRO A 142 -12.50 10.30 -13.46
C PRO A 142 -12.22 8.86 -13.83
N ILE A 143 -11.63 8.64 -15.00
CA ILE A 143 -11.21 7.28 -15.38
C ILE A 143 -10.10 6.80 -14.45
N PHE A 144 -9.17 7.69 -14.11
CA PHE A 144 -8.08 7.32 -13.22
C PHE A 144 -8.59 6.87 -11.86
N ALA A 145 -9.58 7.58 -11.32
CA ALA A 145 -10.09 7.31 -9.98
C ALA A 145 -11.07 6.14 -9.94
N THR A 146 -11.49 5.60 -11.09
CA THR A 146 -12.45 4.51 -11.12
C THR A 146 -11.91 3.25 -11.75
N GLN A 147 -11.01 3.38 -12.72
CA GLN A 147 -10.41 2.21 -13.36
C GLN A 147 -9.41 1.54 -12.44
N SER A 148 -9.50 0.23 -12.32
CA SER A 148 -8.63 -0.49 -11.41
C SER A 148 -7.97 -1.66 -12.12
N ASN A 149 -6.82 -2.08 -11.59
CA ASN A 149 -6.07 -3.21 -12.13
C ASN A 149 -6.64 -4.49 -11.53
N ASP A 150 -7.76 -4.94 -12.09
CA ASP A 150 -8.48 -6.09 -11.57
C ASP A 150 -7.94 -7.43 -12.06
N PHE A 151 -7.45 -7.48 -13.30
CA PHE A 151 -7.07 -8.76 -13.89
C PHE A 151 -5.64 -9.13 -13.52
N ALA A 152 -4.69 -8.24 -13.80
CA ALA A 152 -3.28 -8.55 -13.56
C ALA A 152 -3.00 -8.69 -12.07
N LEU A 153 -3.41 -7.71 -11.28
CA LEU A 153 -3.09 -7.66 -9.86
C LEU A 153 -4.27 -7.98 -8.96
N GLY A 154 -5.47 -7.50 -9.30
CA GLY A 154 -6.61 -7.69 -8.40
C GLY A 154 -6.95 -9.15 -8.19
N TYR A 155 -6.92 -9.95 -9.27
CA TYR A 155 -7.37 -11.33 -9.18
C TYR A 155 -6.55 -12.19 -8.23
N PRO A 156 -5.20 -12.19 -8.26
CA PRO A 156 -4.46 -13.05 -7.32
C PRO A 156 -4.76 -12.80 -5.85
N ILE A 157 -4.89 -11.53 -5.44
CA ILE A 157 -5.30 -11.24 -4.07
C ILE A 157 -6.73 -11.69 -3.82
N VAL A 158 -7.63 -11.42 -4.77
CA VAL A 158 -9.00 -11.89 -4.64
C VAL A 158 -9.03 -13.42 -4.64
N GLU A 159 -8.22 -14.04 -5.50
CA GLU A 159 -8.18 -15.50 -5.54
C GLU A 159 -7.65 -16.07 -4.23
N ALA A 160 -6.48 -15.59 -3.78
CA ALA A 160 -5.85 -16.16 -2.59
C ALA A 160 -6.75 -16.05 -1.36
N LEU A 161 -7.52 -14.97 -1.26
CA LEU A 161 -8.44 -14.80 -0.14
C LEU A 161 -9.67 -15.69 -0.26
N TYR A 162 -10.22 -15.82 -1.46
CA TYR A 162 -11.51 -16.47 -1.66
C TYR A 162 -11.44 -17.68 -2.58
N GLN A 163 -10.36 -18.46 -2.49
CA GLN A 163 -10.31 -19.71 -3.25
C GLN A 163 -11.39 -20.69 -2.78
N THR A 164 -11.56 -20.81 -1.47
CA THR A 164 -12.43 -21.82 -0.89
C THR A 164 -13.63 -21.25 -0.16
N THR A 165 -13.47 -20.15 0.57
CA THR A 165 -14.58 -19.61 1.36
C THR A 165 -15.70 -19.11 0.47
N TYR A 166 -15.37 -18.29 -0.53
CA TYR A 166 -16.37 -17.74 -1.44
C TYR A 166 -15.83 -17.77 -2.87
N PRO A 167 -15.80 -18.94 -3.48
CA PRO A 167 -15.30 -19.02 -4.87
C PRO A 167 -16.14 -18.25 -5.86
N GLU A 168 -17.40 -17.96 -5.54
CA GLU A 168 -18.27 -17.23 -6.45
C GLU A 168 -17.90 -15.75 -6.49
N TYR A 169 -17.07 -15.31 -5.54
CA TYR A 169 -16.57 -13.94 -5.59
C TYR A 169 -15.58 -13.75 -6.74
N LEU A 170 -14.99 -14.84 -7.24
CA LEU A 170 -13.99 -14.74 -8.28
C LEU A 170 -14.60 -14.36 -9.62
N GLN A 171 -15.82 -14.81 -9.88
CA GLN A 171 -16.44 -14.53 -11.18
C GLN A 171 -16.87 -13.07 -11.30
N TYR A 172 -17.06 -12.40 -10.15
CA TYR A 172 -17.50 -11.01 -10.17
C TYR A 172 -16.44 -10.11 -10.79
N ILE A 173 -15.17 -10.34 -10.45
CA ILE A 173 -14.10 -9.44 -10.88
C ILE A 173 -13.94 -9.48 -12.39
N TYR A 174 -14.31 -10.60 -13.01
CA TYR A 174 -14.16 -10.74 -14.45
C TYR A 174 -15.29 -10.06 -15.20
N LEU A 175 -16.39 -9.75 -14.50
CA LEU A 175 -17.52 -9.14 -15.18
C LEU A 175 -17.83 -7.75 -14.60
N VAL A 176 -17.29 -7.44 -13.43
CA VAL A 176 -17.40 -6.06 -12.91
C VAL A 176 -16.53 -5.13 -13.74
N ALA A 177 -15.29 -5.53 -14.00
CA ALA A 177 -14.30 -4.71 -14.68
C ALA A 177 -14.69 -4.34 -16.11
N PRO A 178 -15.08 -5.28 -16.97
CA PRO A 178 -15.42 -4.88 -18.34
C PRO A 178 -16.70 -4.07 -18.43
N ILE A 179 -17.71 -4.40 -17.62
CA ILE A 179 -18.96 -3.63 -17.64
C ILE A 179 -18.70 -2.19 -17.21
N SER A 180 -17.87 -2.01 -16.19
CA SER A 180 -17.52 -0.67 -15.75
C SER A 180 -16.83 0.11 -16.86
N LEU A 181 -16.00 -0.58 -17.66
CA LEU A 181 -15.25 0.10 -18.71
C LEU A 181 -16.19 0.56 -19.83
N MET A 182 -17.22 -0.23 -20.15
CA MET A 182 -18.13 0.17 -21.20
C MET A 182 -19.19 1.17 -20.73
N MET A 183 -19.32 1.36 -19.41
CA MET A 183 -20.31 2.30 -18.90
C MET A 183 -19.73 3.68 -18.60
N LEU A 184 -18.50 3.75 -18.09
CA LEU A 184 -17.91 5.01 -17.64
C LEU A 184 -16.85 5.58 -18.57
N ASN A 185 -16.00 4.74 -19.14
CA ASN A 185 -15.00 5.22 -20.09
C ASN A 185 -15.58 5.97 -21.29
N PRO A 186 -16.70 5.56 -21.89
CA PRO A 186 -17.26 6.38 -22.99
C PRO A 186 -17.49 7.83 -22.59
N ILE A 187 -17.95 8.08 -21.36
CA ILE A 187 -18.12 9.46 -20.92
C ILE A 187 -16.79 10.18 -20.85
N GLY A 188 -15.77 9.51 -20.29
CA GLY A 188 -14.46 10.12 -20.22
C GLY A 188 -13.79 10.29 -21.57
N PHE A 189 -13.99 9.31 -22.47
CA PHE A 189 -13.38 9.41 -23.79
C PHE A 189 -13.97 10.55 -24.60
N ILE A 190 -15.28 10.79 -24.47
CA ILE A 190 -15.91 11.90 -25.18
C ILE A 190 -15.33 13.24 -24.72
N PHE A 191 -15.03 13.36 -23.43
CA PHE A 191 -14.48 14.61 -22.91
C PHE A 191 -13.12 14.92 -23.53
N CYS A 192 -12.30 13.89 -23.74
CA CYS A 192 -11.00 14.11 -24.37
C CYS A 192 -11.15 14.50 -25.83
N GLU A 193 -12.17 13.99 -26.51
CA GLU A 193 -12.41 14.38 -27.90
C GLU A 193 -12.82 15.85 -27.98
N ILE A 194 -13.55 16.35 -26.98
CA ILE A 194 -13.89 17.77 -26.95
C ILE A 194 -12.63 18.62 -26.83
N GLN A 195 -11.72 18.21 -25.93
CA GLN A 195 -10.47 18.93 -25.78
C GLN A 195 -9.64 18.86 -27.05
N LYS A 196 -9.60 17.68 -27.69
CA LYS A 196 -8.83 17.52 -28.91
C LYS A 196 -9.38 18.41 -30.03
N TRP A 197 -10.72 18.48 -30.14
CA TRP A 197 -11.31 19.27 -31.21
C TRP A 197 -11.22 20.77 -30.91
N LYS A 198 -11.04 21.14 -29.64
CA LYS A 198 -10.81 22.53 -29.31
C LYS A 198 -9.50 23.04 -29.91
N ASP A 199 -8.45 22.21 -29.86
CA ASP A 199 -7.22 22.55 -30.53
C ASP A 199 -7.42 22.64 -32.05
N THR A 200 -8.31 21.80 -32.59
CA THR A 200 -8.69 21.88 -34.00
C THR A 200 -9.57 23.09 -34.28
N GLN A 201 -10.05 23.78 -33.24
CA GLN A 201 -10.92 24.96 -33.36
C GLN A 201 -12.19 24.51 -34.07
N ASN A 202 -12.65 25.22 -35.11
CA ASN A 202 -13.84 24.84 -35.87
C ASN A 202 -15.10 24.89 -34.99
N ALA A 203 -15.06 25.73 -33.96
CA ALA A 203 -16.21 26.01 -33.10
C ALA A 203 -16.76 24.77 -32.41
N SER A 204 -15.93 23.74 -32.23
CA SER A 204 -16.32 22.51 -31.54
C SER A 204 -17.57 21.89 -32.15
N GLN A 205 -17.52 21.67 -33.46
CA GLN A 205 -18.64 21.08 -34.18
C GLN A 205 -18.50 19.57 -34.26
N ASN A 206 -19.33 18.93 -35.09
CA ASN A 206 -19.35 17.48 -35.27
C ASN A 206 -19.66 16.78 -33.94
N LYS A 207 -20.82 17.08 -33.39
CA LYS A 207 -21.22 16.49 -32.12
C LYS A 207 -21.42 14.99 -32.23
N ILE A 208 -21.96 14.53 -33.35
CA ILE A 208 -22.14 13.09 -33.56
C ILE A 208 -20.79 12.39 -33.70
N LYS A 209 -19.81 13.07 -34.32
CA LYS A 209 -18.49 12.47 -34.48
C LYS A 209 -17.77 12.36 -33.14
N ILE A 210 -17.89 13.39 -32.30
CA ILE A 210 -17.25 13.36 -30.99
C ILE A 210 -17.81 12.21 -30.15
N VAL A 211 -19.12 12.06 -30.15
CA VAL A 211 -19.75 10.93 -29.45
C VAL A 211 -19.37 9.63 -30.13
N GLY A 212 -19.34 9.63 -31.47
CA GLY A 212 -19.03 8.40 -32.19
C GLY A 212 -17.63 7.88 -31.90
N LEU A 213 -16.64 8.77 -31.88
CA LEU A 213 -15.27 8.35 -31.61
C LEU A 213 -15.11 7.88 -30.17
N GLY A 214 -15.89 8.45 -29.25
CA GLY A 214 -15.84 8.04 -27.87
C GLY A 214 -16.26 6.60 -27.65
N LEU A 215 -17.37 6.20 -28.28
CA LEU A 215 -17.81 4.81 -28.16
C LEU A 215 -16.94 3.88 -28.98
N LEU A 216 -16.41 4.36 -30.11
CA LEU A 216 -15.60 3.52 -30.98
C LEU A 216 -14.34 3.05 -30.26
N ARG A 217 -13.70 3.94 -29.51
CA ARG A 217 -12.48 3.58 -28.80
C ARG A 217 -12.75 2.52 -27.74
N VAL A 218 -13.95 2.51 -27.18
CA VAL A 218 -14.32 1.50 -26.19
C VAL A 218 -14.46 0.14 -26.85
N LEU A 219 -15.10 0.09 -28.02
CA LEU A 219 -15.24 -1.19 -28.73
C LEU A 219 -13.88 -1.74 -29.15
N GLN A 220 -12.97 -0.87 -29.59
CA GLN A 220 -11.64 -1.33 -29.99
C GLN A 220 -10.84 -1.88 -28.82
N ASN A 221 -11.25 -1.60 -27.59
CA ASN A 221 -10.55 -2.15 -26.44
C ASN A 221 -10.68 -3.67 -26.44
N PRO A 222 -9.57 -4.40 -26.33
CA PRO A 222 -9.66 -5.88 -26.40
C PRO A 222 -10.56 -6.49 -25.34
N ILE A 223 -10.64 -5.89 -24.15
CA ILE A 223 -11.39 -6.52 -23.08
C ILE A 223 -12.89 -6.32 -23.28
N VAL A 224 -13.27 -5.35 -24.10
CA VAL A 224 -14.70 -5.06 -24.27
C VAL A 224 -15.33 -6.02 -25.27
N PHE A 225 -14.74 -6.16 -26.45
CA PHE A 225 -15.35 -7.01 -27.46
C PHE A 225 -15.13 -8.49 -27.18
N MET A 226 -14.02 -8.85 -26.51
CA MET A 226 -13.78 -10.25 -26.22
C MET A 226 -14.73 -10.75 -25.13
N VAL A 227 -15.21 -9.84 -24.28
CA VAL A 227 -16.31 -10.18 -23.40
C VAL A 227 -17.58 -10.44 -24.23
N PHE A 228 -17.88 -9.56 -25.19
CA PHE A 228 -19.06 -9.74 -26.02
C PHE A 228 -19.00 -11.06 -26.77
N ILE A 229 -17.80 -11.45 -27.22
CA ILE A 229 -17.62 -12.77 -27.81
C ILE A 229 -17.85 -13.86 -26.77
N GLY A 230 -17.48 -13.59 -25.52
CA GLY A 230 -17.65 -14.58 -24.45
C GLY A 230 -19.11 -14.93 -24.22
N ILE A 231 -19.96 -13.90 -24.08
CA ILE A 231 -21.40 -14.16 -23.97
C ILE A 231 -21.93 -14.75 -25.26
N ALA A 232 -21.40 -14.30 -26.41
CA ALA A 232 -21.84 -14.84 -27.69
C ALA A 232 -21.65 -16.35 -27.74
N PHE A 233 -20.47 -16.82 -27.33
CA PHE A 233 -20.21 -18.26 -27.33
C PHE A 233 -20.78 -18.92 -26.07
N ASN A 234 -21.25 -18.12 -25.11
CA ASN A 234 -21.85 -18.70 -23.91
C ASN A 234 -23.20 -19.35 -24.21
N PHE A 235 -23.90 -18.86 -25.23
CA PHE A 235 -25.13 -19.51 -25.67
C PHE A 235 -24.93 -20.38 -26.91
N ILE A 236 -24.08 -19.96 -27.84
CA ILE A 236 -23.87 -20.72 -29.08
C ILE A 236 -23.20 -22.04 -28.76
N LEU A 237 -21.99 -21.99 -28.22
CA LEU A 237 -21.28 -23.18 -27.80
C LEU A 237 -21.80 -23.73 -26.47
N ASP A 238 -22.65 -22.96 -25.79
CA ASP A 238 -23.16 -23.28 -24.45
C ASP A 238 -22.01 -23.25 -23.46
N ARG A 239 -22.31 -23.38 -22.16
CA ARG A 239 -21.26 -23.29 -21.15
C ARG A 239 -20.20 -24.36 -21.33
N LYS A 240 -20.57 -25.52 -21.86
CA LYS A 240 -19.58 -26.55 -22.14
C LYS A 240 -18.66 -26.10 -23.28
N VAL A 241 -17.38 -26.44 -23.15
CA VAL A 241 -16.36 -26.05 -24.11
C VAL A 241 -15.56 -27.30 -24.48
N PRO A 242 -15.08 -27.42 -25.71
CA PRO A 242 -14.26 -28.59 -26.05
C PRO A 242 -13.02 -28.68 -25.16
N VAL A 243 -12.63 -29.92 -24.85
CA VAL A 243 -11.54 -30.15 -23.92
C VAL A 243 -10.23 -29.60 -24.47
N TYR A 244 -9.96 -29.84 -25.75
CA TYR A 244 -8.72 -29.36 -26.35
C TYR A 244 -8.68 -27.84 -26.39
N VAL A 245 -9.82 -27.20 -26.66
CA VAL A 245 -9.90 -25.74 -26.60
C VAL A 245 -9.67 -25.26 -25.17
N GLU A 246 -10.28 -25.94 -24.20
CA GLU A 246 -10.13 -25.54 -22.80
C GLU A 246 -8.68 -25.60 -22.36
N ASN A 247 -7.96 -26.67 -22.74
CA ASN A 247 -6.56 -26.78 -22.36
C ASN A 247 -5.72 -25.69 -23.01
N PHE A 248 -6.02 -25.34 -24.26
CA PHE A 248 -5.28 -24.27 -24.93
C PHE A 248 -5.52 -22.94 -24.25
N LEU A 249 -6.76 -22.67 -23.85
CA LEU A 249 -7.07 -21.40 -23.21
C LEU A 249 -6.45 -21.32 -21.81
N ASP A 250 -6.29 -22.46 -21.14
CA ASP A 250 -5.65 -22.48 -19.84
C ASP A 250 -4.19 -22.04 -19.93
N GLY A 251 -3.49 -22.49 -20.98
CA GLY A 251 -2.10 -22.14 -21.14
C GLY A 251 -1.85 -20.67 -21.28
N LEU A 252 -2.66 -20.00 -22.12
CA LEU A 252 -2.52 -18.56 -22.29
C LEU A 252 -3.11 -17.80 -21.12
N GLY A 253 -4.19 -18.32 -20.54
CA GLY A 253 -4.83 -17.62 -19.44
C GLY A 253 -3.97 -17.56 -18.18
N ASN A 254 -3.31 -18.67 -17.84
CA ASN A 254 -2.49 -18.72 -16.65
C ASN A 254 -1.20 -17.93 -16.83
N SER A 255 -0.89 -17.58 -18.08
CA SER A 255 0.30 -16.80 -18.39
C SER A 255 0.07 -15.31 -18.40
N PHE A 256 -1.13 -14.83 -18.07
CA PHE A 256 -1.40 -13.40 -18.12
C PHE A 256 -0.91 -12.70 -16.86
N SER A 257 -1.32 -13.20 -15.69
CA SER A 257 -1.06 -12.48 -14.45
C SER A 257 0.43 -12.31 -14.19
N GLY A 258 1.20 -13.38 -14.39
CA GLY A 258 2.64 -13.27 -14.21
C GLY A 258 3.29 -12.35 -15.22
N SER A 259 2.88 -12.46 -16.50
CA SER A 259 3.48 -11.65 -17.54
C SER A 259 3.07 -10.19 -17.44
N ALA A 260 1.79 -9.95 -17.13
CA ALA A 260 1.31 -8.57 -17.01
C ALA A 260 1.96 -7.85 -15.85
N LEU A 261 2.15 -8.56 -14.73
CA LEU A 261 2.83 -7.96 -13.58
C LEU A 261 4.29 -7.67 -13.88
N PHE A 262 4.97 -8.59 -14.57
CA PHE A 262 6.35 -8.35 -14.97
C PHE A 262 6.44 -7.17 -15.93
N TYR A 263 5.51 -7.12 -16.89
CA TYR A 263 5.49 -6.00 -17.83
C TYR A 263 5.10 -4.71 -17.13
N LEU A 264 4.33 -4.81 -16.05
CA LEU A 264 3.95 -3.62 -15.29
C LEU A 264 5.19 -2.95 -14.70
N GLY A 265 6.01 -3.71 -13.98
CA GLY A 265 7.21 -3.14 -13.39
C GLY A 265 8.25 -2.77 -14.43
N LEU A 266 8.23 -3.47 -15.56
CA LEU A 266 9.18 -3.17 -16.64
C LEU A 266 8.96 -1.77 -17.17
N THR A 267 7.70 -1.36 -17.33
CA THR A 267 7.41 -0.04 -17.88
C THR A 267 7.53 1.06 -16.82
N MET A 268 7.57 0.68 -15.54
CA MET A 268 7.67 1.69 -14.49
C MET A 268 9.00 2.44 -14.55
N VAL A 269 10.01 1.86 -15.20
CA VAL A 269 11.34 2.44 -15.25
C VAL A 269 11.29 3.82 -15.91
N GLY A 270 11.69 4.84 -15.15
CA GLY A 270 11.74 6.20 -15.67
C GLY A 270 10.39 6.81 -15.99
N LYS A 271 9.41 6.60 -15.11
CA LYS A 271 8.11 7.23 -15.26
C LYS A 271 7.77 8.22 -14.17
N ILE A 272 8.47 8.21 -13.05
CA ILE A 272 8.22 9.12 -11.94
C ILE A 272 9.10 10.35 -12.13
N LYS A 273 8.46 11.50 -12.38
CA LYS A 273 9.15 12.76 -12.57
C LYS A 273 8.85 13.68 -11.39
N ARG A 274 9.76 14.61 -11.15
CA ARG A 274 9.61 15.58 -10.06
C ARG A 274 8.58 16.62 -10.50
N LEU A 275 7.32 16.29 -10.27
CA LEU A 275 6.22 17.17 -10.66
C LEU A 275 6.13 18.37 -9.73
N LYS A 276 5.43 19.40 -10.18
CA LYS A 276 5.28 20.62 -9.40
C LYS A 276 4.40 20.37 -8.18
N LYS A 277 4.30 21.39 -7.33
CA LYS A 277 3.51 21.27 -6.12
C LYS A 277 2.03 21.10 -6.43
N SER A 278 1.53 21.82 -7.44
CA SER A 278 0.13 21.68 -7.83
C SER A 278 -0.16 20.28 -8.35
N ALA A 279 0.75 19.74 -9.17
CA ALA A 279 0.59 18.38 -9.65
C ALA A 279 0.77 17.37 -8.52
N PHE A 280 1.66 17.68 -7.57
CA PHE A 280 1.87 16.80 -6.42
C PHE A 280 0.61 16.71 -5.57
N VAL A 281 -0.07 17.83 -5.35
CA VAL A 281 -1.27 17.83 -4.53
C VAL A 281 -2.40 17.09 -5.22
N VAL A 282 -2.48 17.21 -6.55
CA VAL A 282 -3.54 16.56 -7.30
C VAL A 282 -3.44 15.03 -7.16
N LEU A 283 -2.22 14.51 -7.26
CA LEU A 283 -2.03 13.06 -7.11
C LEU A 283 -2.48 12.57 -5.75
N ILE A 284 -2.30 13.41 -4.72
CA ILE A 284 -2.79 13.05 -3.39
C ILE A 284 -4.31 12.91 -3.42
N LEU A 285 -4.98 13.85 -4.09
CA LEU A 285 -6.44 13.81 -4.14
C LEU A 285 -6.94 12.67 -5.03
N LEU A 286 -6.27 12.46 -6.17
CA LEU A 286 -6.73 11.43 -7.11
C LEU A 286 -6.56 10.03 -6.54
N ILE A 287 -5.39 9.76 -5.94
CA ILE A 287 -5.14 8.44 -5.36
C ILE A 287 -6.05 8.24 -4.14
N THR A 288 -6.32 9.32 -3.40
CA THR A 288 -7.25 9.22 -2.28
C THR A 288 -8.65 8.85 -2.77
N ALA A 289 -9.08 9.42 -3.89
CA ALA A 289 -10.38 9.08 -4.45
C ALA A 289 -10.42 7.61 -4.84
N LYS A 290 -9.33 7.09 -5.41
CA LYS A 290 -9.29 5.70 -5.81
C LYS A 290 -9.22 4.75 -4.62
N LEU A 291 -8.34 5.04 -3.67
CA LEU A 291 -8.02 4.09 -2.60
C LEU A 291 -8.76 4.35 -1.30
N LEU A 292 -9.39 5.52 -1.14
CA LEU A 292 -10.13 5.80 0.08
C LEU A 292 -11.61 6.03 -0.17
N VAL A 293 -11.95 6.95 -1.07
CA VAL A 293 -13.35 7.28 -1.31
C VAL A 293 -14.06 6.12 -1.98
N LEU A 294 -13.45 5.54 -3.01
CA LEU A 294 -14.09 4.44 -3.73
C LEU A 294 -14.32 3.22 -2.85
N PRO A 295 -13.36 2.72 -2.06
CA PRO A 295 -13.68 1.59 -1.17
C PRO A 295 -14.79 1.88 -0.17
N LEU A 296 -14.83 3.09 0.37
CA LEU A 296 -15.88 3.44 1.33
C LEU A 296 -17.24 3.47 0.66
N LEU A 297 -17.31 4.02 -0.56
CA LEU A 297 -18.57 4.05 -1.29
C LEU A 297 -19.01 2.64 -1.70
N CYS A 298 -18.05 1.79 -2.09
CA CYS A 298 -18.39 0.44 -2.52
C CYS A 298 -19.00 -0.36 -1.38
N ARG A 299 -18.58 -0.20 -0.14
CA ARG A 299 -19.12 -0.98 0.96
C ARG A 299 -20.31 -0.40 1.54
N GLU A 300 -20.54 0.87 1.36
CA GLU A 300 -21.78 1.45 1.84
C GLU A 300 -22.93 1.15 0.90
N MET A 301 -22.68 1.13 -0.41
CA MET A 301 -23.74 0.80 -1.36
C MET A 301 -24.15 -0.66 -1.24
N VAL A 302 -23.19 -1.54 -0.95
CA VAL A 302 -23.51 -2.95 -0.72
C VAL A 302 -24.42 -3.09 0.50
N GLU A 303 -24.22 -2.23 1.51
CA GLU A 303 -25.01 -2.32 2.72
C GLU A 303 -26.49 -2.16 2.44
N LEU A 304 -26.84 -1.29 1.49
CA LEU A 304 -28.26 -1.00 1.28
C LEU A 304 -28.79 -1.67 0.02
N LEU A 305 -27.94 -1.87 -1.00
CA LEU A 305 -28.37 -2.65 -2.15
C LEU A 305 -28.58 -4.12 -1.78
N ASP A 306 -27.60 -4.73 -1.12
CA ASP A 306 -27.67 -6.15 -0.84
C ASP A 306 -28.58 -6.40 0.36
N LYS A 307 -29.61 -7.22 0.15
CA LYS A 307 -30.54 -7.54 1.23
C LYS A 307 -29.84 -8.30 2.35
N GLY A 308 -28.99 -9.26 2.00
CA GLY A 308 -28.21 -9.99 2.99
C GLY A 308 -29.06 -10.76 3.99
N ASP A 309 -29.71 -11.82 3.52
CA ASP A 309 -30.50 -12.66 4.42
C ASP A 309 -29.62 -13.26 5.52
N SER A 310 -28.42 -13.70 5.15
CA SER A 310 -27.45 -14.18 6.12
C SER A 310 -26.52 -13.03 6.51
N VAL A 311 -26.37 -12.81 7.83
CA VAL A 311 -25.53 -11.72 8.29
C VAL A 311 -24.06 -12.01 7.99
N VAL A 312 -23.65 -13.28 8.10
CA VAL A 312 -22.27 -13.65 7.81
C VAL A 312 -21.94 -13.43 6.34
N ASN A 313 -22.86 -13.85 5.46
CA ASN A 313 -22.64 -13.65 4.03
C ASN A 313 -22.68 -12.18 3.66
N HIS A 314 -23.56 -11.42 4.31
CA HIS A 314 -23.61 -9.98 4.07
C HIS A 314 -22.30 -9.30 4.47
N THR A 315 -21.75 -9.70 5.62
CA THR A 315 -20.50 -9.11 6.07
C THR A 315 -19.36 -9.41 5.10
N SER A 316 -19.30 -10.64 4.58
CA SER A 316 -18.25 -10.99 3.64
C SER A 316 -18.37 -10.20 2.35
N LEU A 317 -19.59 -10.01 1.86
CA LEU A 317 -19.79 -9.24 0.64
C LEU A 317 -19.38 -7.79 0.83
N SER A 318 -19.71 -7.20 1.99
CA SER A 318 -19.30 -5.84 2.28
C SER A 318 -17.79 -5.72 2.37
N ASN A 319 -17.13 -6.69 3.00
CA ASN A 319 -15.68 -6.68 3.09
C ASN A 319 -15.05 -6.84 1.71
N TYR A 320 -15.61 -7.74 0.88
CA TYR A 320 -15.08 -7.93 -0.47
C TYR A 320 -15.26 -6.67 -1.31
N ALA A 321 -16.40 -5.99 -1.14
CA ALA A 321 -16.62 -4.75 -1.87
C ALA A 321 -15.61 -3.68 -1.47
N PHE A 322 -15.26 -3.61 -0.18
CA PHE A 322 -14.24 -2.68 0.25
C PHE A 322 -12.88 -3.01 -0.36
N LEU A 323 -12.53 -4.30 -0.39
CA LEU A 323 -11.25 -4.71 -0.93
C LEU A 323 -11.16 -4.52 -2.44
N TYR A 324 -12.28 -4.65 -3.15
CA TYR A 324 -12.25 -4.41 -4.58
C TYR A 324 -11.95 -2.94 -4.89
N GLY A 325 -12.51 -2.03 -4.11
CA GLY A 325 -12.28 -0.62 -4.35
C GLY A 325 -10.83 -0.23 -4.21
N VAL A 326 -10.12 -0.86 -3.27
CA VAL A 326 -8.69 -0.57 -3.07
C VAL A 326 -7.91 -1.54 -3.95
N PHE A 327 -7.88 -1.23 -5.24
CA PHE A 327 -6.96 -1.76 -6.23
C PHE A 327 -6.26 -0.60 -6.92
N PRO A 328 -5.03 -0.80 -7.36
CA PRO A 328 -4.32 0.30 -8.01
C PRO A 328 -4.95 0.67 -9.35
N VAL A 329 -4.62 1.87 -9.82
CA VAL A 329 -5.07 2.30 -11.14
C VAL A 329 -4.51 1.35 -12.19
N ALA A 330 -5.36 0.95 -13.12
CA ALA A 330 -4.95 0.00 -14.15
C ALA A 330 -3.88 0.63 -15.04
N PRO A 331 -2.90 -0.15 -15.50
CA PRO A 331 -1.90 0.42 -16.43
C PRO A 331 -2.50 0.89 -17.73
N GLY A 332 -3.69 0.42 -18.10
CA GLY A 332 -4.29 0.83 -19.35
C GLY A 332 -4.73 2.29 -19.35
N VAL A 333 -4.92 2.87 -18.17
CA VAL A 333 -5.26 4.29 -18.09
C VAL A 333 -4.11 5.14 -18.60
N ALA A 334 -2.87 4.77 -18.25
CA ALA A 334 -1.71 5.50 -18.73
C ALA A 334 -1.59 5.41 -20.25
N ILE A 335 -2.01 4.27 -20.83
CA ILE A 335 -1.98 4.12 -22.28
C ILE A 335 -2.96 5.08 -22.93
N PHE A 336 -4.13 5.26 -22.32
CA PHE A 336 -5.11 6.19 -22.86
C PHE A 336 -4.56 7.61 -22.90
N ALA A 337 -3.76 7.98 -21.90
CA ALA A 337 -3.15 9.31 -21.90
C ALA A 337 -2.21 9.49 -23.06
N THR A 338 -1.39 8.48 -23.37
CA THR A 338 -0.47 8.57 -24.49
C THR A 338 -1.21 8.61 -25.82
N GLN A 339 -2.26 7.79 -25.97
CA GLN A 339 -3.04 7.81 -27.19
C GLN A 339 -3.72 9.15 -27.40
N PHE A 340 -4.27 9.73 -26.34
CA PHE A 340 -4.89 11.04 -26.42
C PHE A 340 -3.87 12.17 -26.35
N ASN A 341 -2.62 11.88 -26.03
CA ASN A 341 -1.55 12.88 -25.94
C ASN A 341 -1.88 13.97 -24.93
N MET A 342 -2.66 13.58 -23.91
CA MET A 342 -2.99 14.46 -22.80
C MET A 342 -1.95 14.30 -21.69
N GLU A 343 -2.28 14.74 -20.47
CA GLU A 343 -1.31 14.85 -19.39
C GLU A 343 -0.83 13.46 -18.96
N VAL A 344 0.09 12.91 -19.75
CA VAL A 344 0.64 11.58 -19.51
C VAL A 344 1.42 11.57 -18.20
N GLU A 345 2.12 12.66 -17.90
CA GLU A 345 3.05 12.69 -16.78
C GLU A 345 2.34 12.49 -15.45
N ILE A 346 1.21 13.17 -15.25
CA ILE A 346 0.49 13.05 -13.98
C ILE A 346 -0.28 11.74 -13.93
N ILE A 347 -0.76 11.27 -15.09
CA ILE A 347 -1.50 10.01 -15.13
C ILE A 347 -0.57 8.84 -14.89
N THR A 348 0.59 8.85 -15.56
CA THR A 348 1.53 7.74 -15.42
C THR A 348 2.15 7.70 -14.03
N SER A 349 2.50 8.87 -13.48
CA SER A 349 3.06 8.92 -12.13
C SER A 349 2.05 8.43 -11.11
N GLY A 350 0.79 8.84 -11.24
CA GLY A 350 -0.24 8.39 -10.32
C GLY A 350 -0.49 6.89 -10.43
N MET A 351 -0.44 6.37 -11.65
CA MET A 351 -0.63 4.93 -11.86
C MET A 351 0.46 4.13 -11.16
N VAL A 352 1.71 4.58 -11.28
CA VAL A 352 2.83 3.87 -10.66
C VAL A 352 2.78 4.00 -9.15
N ILE A 353 2.53 5.22 -8.66
CA ILE A 353 2.53 5.46 -7.22
C ILE A 353 1.38 4.70 -6.56
N SER A 354 0.19 4.75 -7.15
CA SER A 354 -0.97 4.08 -6.58
C SER A 354 -0.76 2.56 -6.54
N THR A 355 0.06 2.04 -7.45
CA THR A 355 0.33 0.61 -7.47
C THR A 355 1.06 0.19 -6.20
N PHE A 356 2.06 0.96 -5.79
CA PHE A 356 2.85 0.60 -4.62
C PHE A 356 2.14 1.02 -3.33
N VAL A 357 1.42 2.14 -3.37
CA VAL A 357 0.71 2.61 -2.19
C VAL A 357 -0.42 1.65 -1.82
N SER A 358 -1.05 1.03 -2.82
CA SER A 358 -2.21 0.17 -2.55
C SER A 358 -1.83 -1.06 -1.74
N ALA A 359 -0.58 -1.53 -1.88
CA ALA A 359 -0.17 -2.77 -1.22
C ALA A 359 -0.27 -2.68 0.30
N PRO A 360 0.27 -1.62 0.95
CA PRO A 360 0.00 -1.48 2.39
C PRO A 360 -1.47 -1.32 2.73
N ILE A 361 -2.23 -0.62 1.88
CA ILE A 361 -3.63 -0.35 2.18
C ILE A 361 -4.45 -1.64 2.05
N MET A 362 -4.13 -2.46 1.06
CA MET A 362 -4.80 -3.74 0.90
C MET A 362 -4.53 -4.64 2.10
N TYR A 363 -3.28 -4.66 2.56
CA TYR A 363 -2.91 -5.52 3.68
C TYR A 363 -3.54 -5.05 4.99
N VAL A 364 -3.44 -3.74 5.25
CA VAL A 364 -3.91 -3.21 6.53
C VAL A 364 -5.43 -3.27 6.61
N SER A 365 -6.11 -2.85 5.53
CA SER A 365 -7.57 -2.82 5.55
C SER A 365 -8.15 -4.23 5.67
N ALA A 366 -7.57 -5.20 4.98
CA ALA A 366 -8.11 -6.56 5.01
C ALA A 366 -8.01 -7.16 6.41
N TRP A 367 -6.98 -6.79 7.16
CA TRP A 367 -6.85 -7.29 8.52
C TRP A 367 -7.83 -6.58 9.46
N LEU A 368 -8.03 -5.29 9.28
CA LEU A 368 -8.92 -4.52 10.16
C LEU A 368 -10.38 -4.92 9.96
N LEU A 369 -10.73 -5.42 8.78
CA LEU A 369 -12.09 -5.86 8.54
C LEU A 369 -12.37 -7.19 9.24
N THR A 370 -11.33 -7.99 9.45
CA THR A 370 -11.52 -9.29 10.10
C THR A 370 -11.68 -9.14 11.61
N PHE A 371 -11.08 -8.11 12.19
CA PHE A 371 -11.01 -7.91 13.64
C PHE A 371 -12.38 -7.91 14.33
N PRO A 372 -13.43 -7.25 13.77
CA PRO A 372 -14.72 -7.27 14.45
C PRO A 372 -15.33 -8.66 14.58
N THR A 373 -14.77 -9.65 13.88
CA THR A 373 -15.25 -11.01 13.96
C THR A 373 -14.18 -11.94 14.54
N MET A 374 -13.35 -11.42 15.43
CA MET A 374 -12.30 -12.18 16.09
C MET A 374 -12.59 -12.28 17.59
N ASP A 375 -12.50 -13.51 18.11
CA ASP A 375 -12.50 -13.71 19.54
C ASP A 375 -11.20 -13.13 20.12
N PRO A 376 -11.25 -12.59 21.35
CA PRO A 376 -10.06 -11.89 21.89
C PRO A 376 -8.78 -12.72 21.88
N LYS A 377 -8.87 -14.03 22.12
CA LYS A 377 -7.66 -14.84 22.10
C LYS A 377 -7.12 -15.04 20.70
N PRO A 378 -7.90 -15.51 19.71
CA PRO A 378 -7.37 -15.52 18.33
C PRO A 378 -7.05 -14.13 17.80
N LEU A 379 -7.72 -13.10 18.31
CA LEU A 379 -7.38 -11.73 17.94
C LEU A 379 -5.97 -11.37 18.38
N ALA A 380 -5.54 -11.91 19.52
CA ALA A 380 -4.17 -11.67 19.98
C ALA A 380 -3.16 -12.27 19.01
N TYR A 381 -3.46 -13.44 18.47
CA TYR A 381 -2.60 -14.04 17.45
C TYR A 381 -2.60 -13.20 16.18
N ALA A 382 -3.73 -12.55 15.87
CA ALA A 382 -3.80 -11.74 14.66
C ALA A 382 -2.84 -10.57 14.70
N ILE A 383 -2.72 -9.91 15.87
CA ILE A 383 -1.79 -8.79 16.00
C ILE A 383 -0.35 -9.28 15.89
N GLN A 384 -0.05 -10.45 16.46
CA GLN A 384 1.29 -11.01 16.35
C GLN A 384 1.60 -11.42 14.91
N ASN A 385 0.60 -11.95 14.20
CA ASN A 385 0.81 -12.35 12.82
C ASN A 385 1.11 -11.13 11.95
N VAL A 386 0.38 -10.03 12.16
CA VAL A 386 0.66 -8.79 11.42
C VAL A 386 2.04 -8.25 11.78
N SER A 387 2.37 -8.26 13.07
CA SER A 387 3.65 -7.73 13.52
C SER A 387 4.82 -8.51 12.92
N PHE A 388 4.66 -9.82 12.81
CA PHE A 388 5.73 -10.67 12.30
C PHE A 388 6.07 -10.35 10.84
N ASP A 389 5.06 -10.32 9.97
CA ASP A 389 5.33 -10.21 8.54
C ASP A 389 5.60 -8.77 8.12
N ILE A 390 5.18 -7.80 8.94
CA ILE A 390 5.61 -6.42 8.72
C ILE A 390 7.09 -6.28 9.03
N SER A 391 7.57 -7.01 10.05
CA SER A 391 8.97 -6.91 10.43
C SER A 391 9.89 -7.47 9.34
N ILE A 392 9.47 -8.55 8.69
CA ILE A 392 10.36 -9.21 7.73
C ILE A 392 10.55 -8.34 6.49
N VAL A 393 9.49 -7.66 6.06
CA VAL A 393 9.63 -6.74 4.92
C VAL A 393 10.35 -5.47 5.37
N SER A 394 10.11 -5.02 6.59
CA SER A 394 10.80 -3.84 7.10
C SER A 394 12.29 -4.10 7.27
N LEU A 395 12.69 -5.29 7.73
CA LEU A 395 14.10 -5.56 7.94
C LEU A 395 14.87 -5.56 6.63
N ILE A 396 14.27 -6.09 5.56
CA ILE A 396 14.90 -6.05 4.25
C ILE A 396 15.14 -4.60 3.83
N SER A 397 14.18 -3.73 4.11
CA SER A 397 14.36 -2.30 3.85
C SER A 397 15.47 -1.71 4.72
N LEU A 398 15.54 -2.15 5.98
CA LEU A 398 16.58 -1.65 6.87
C LEU A 398 17.96 -2.15 6.47
N ILE A 399 18.07 -3.41 6.03
CA ILE A 399 19.36 -3.93 5.59
C ILE A 399 19.85 -3.15 4.38
N TRP A 400 18.94 -2.87 3.44
CA TRP A 400 19.29 -2.02 2.31
C TRP A 400 19.65 -0.61 2.75
N SER A 401 18.87 -0.06 3.69
CA SER A 401 19.16 1.28 4.18
C SER A 401 20.52 1.35 4.87
N LEU A 402 20.84 0.33 5.67
CA LEU A 402 22.16 0.27 6.29
C LEU A 402 23.26 0.10 5.24
N ALA A 403 23.01 -0.69 4.21
CA ALA A 403 24.00 -0.87 3.15
C ALA A 403 24.28 0.47 2.45
N ILE A 404 23.23 1.22 2.13
CA ILE A 404 23.41 2.52 1.49
C ILE A 404 24.16 3.47 2.42
N LEU A 405 23.80 3.46 3.71
CA LEU A 405 24.34 4.45 4.64
C LEU A 405 25.77 4.13 5.07
N LEU A 406 26.13 2.84 5.11
CA LEU A 406 27.46 2.45 5.56
C LEU A 406 28.46 2.19 4.44
N LEU A 407 28.01 2.01 3.20
CA LEU A 407 28.97 1.92 2.09
C LEU A 407 29.74 3.22 1.93
N SER A 408 29.05 4.35 2.02
CA SER A 408 29.69 5.66 1.99
C SER A 408 30.19 6.02 3.39
N LYS A 409 30.80 7.20 3.47
CA LYS A 409 31.31 7.69 4.75
C LYS A 409 30.26 8.53 5.45
N LYS A 410 28.98 8.29 5.13
CA LYS A 410 27.91 9.07 5.74
C LYS A 410 27.84 8.82 7.24
N TYR A 411 28.00 7.57 7.67
CA TYR A 411 27.91 7.27 9.09
C TYR A 411 29.05 7.88 9.88
N LYS A 412 30.10 8.36 9.20
CA LYS A 412 31.11 9.18 9.85
C LYS A 412 30.53 10.53 10.27
N GLN A 413 29.65 11.08 9.45
CA GLN A 413 29.14 12.43 9.67
C GLN A 413 28.31 12.48 10.94
N LEU A 414 28.23 13.67 11.55
CA LEU A 414 27.64 13.80 12.87
C LEU A 414 26.17 13.40 12.92
N PRO A 415 25.27 13.89 12.05
CA PRO A 415 23.87 13.46 12.18
C PRO A 415 23.61 12.06 11.66
N HIS A 416 24.26 11.67 10.57
CA HIS A 416 24.00 10.36 9.99
C HIS A 416 24.54 9.24 10.87
N MET A 417 25.51 9.56 11.74
CA MET A 417 25.92 8.59 12.76
C MET A 417 24.77 8.32 13.74
N LEU A 418 24.04 9.37 14.10
CA LEU A 418 22.86 9.19 14.95
C LEU A 418 21.78 8.38 14.25
N THR A 419 21.56 8.64 12.96
CA THR A 419 20.58 7.88 12.20
C THR A 419 21.00 6.41 12.08
N THR A 420 22.29 6.16 11.92
CA THR A 420 22.77 4.79 11.82
C THR A 420 22.46 4.01 13.09
N ASN A 421 22.64 4.64 14.26
CA ASN A 421 22.30 3.99 15.51
C ASN A 421 20.81 3.70 15.61
N LEU A 422 19.98 4.64 15.14
CA LEU A 422 18.53 4.41 15.14
C LEU A 422 18.15 3.27 14.22
N LEU A 423 18.79 3.19 13.04
CA LEU A 423 18.46 2.13 12.09
C LEU A 423 18.91 0.76 12.60
N ILE A 424 20.04 0.71 13.32
CA ILE A 424 20.45 -0.55 13.92
C ILE A 424 19.46 -0.98 14.99
N ALA A 425 18.95 -0.02 15.77
CA ALA A 425 17.94 -0.32 16.78
C ALA A 425 16.67 -0.87 16.14
N GLN A 426 16.26 -0.27 15.02
CA GLN A 426 15.07 -0.75 14.32
C GLN A 426 15.29 -2.14 13.74
N SER A 427 16.52 -2.44 13.32
CA SER A 427 16.82 -3.76 12.76
C SER A 427 16.62 -4.85 13.80
N ILE A 428 17.09 -4.61 15.03
CA ILE A 428 16.96 -5.63 16.08
C ILE A 428 15.50 -5.79 16.49
N VAL A 429 14.74 -4.70 16.50
CA VAL A 429 13.32 -4.79 16.82
C VAL A 429 12.59 -5.69 15.83
N CYS A 430 12.85 -5.49 14.54
CA CYS A 430 12.28 -6.36 13.52
C CYS A 430 12.80 -7.78 13.65
N ALA A 431 14.11 -7.92 13.88
CA ALA A 431 14.69 -9.25 14.07
C ALA A 431 14.17 -9.90 15.34
N GLY A 432 13.95 -9.10 16.39
CA GLY A 432 13.44 -9.65 17.63
C GLY A 432 12.04 -10.22 17.50
N MET A 433 11.20 -9.57 16.69
CA MET A 433 9.83 -10.05 16.52
C MET A 433 9.80 -11.39 15.79
N MET A 434 10.69 -11.58 14.81
CA MET A 434 10.77 -12.88 14.15
C MET A 434 11.14 -13.98 15.13
N ILE A 435 12.13 -13.72 16.00
CA ILE A 435 12.52 -14.70 17.01
C ILE A 435 11.39 -14.87 18.03
N TRP A 436 10.76 -13.76 18.43
CA TRP A 436 9.73 -13.82 19.46
C TRP A 436 8.53 -14.65 18.99
N ASN A 437 8.19 -14.55 17.70
CA ASN A 437 7.04 -15.26 17.18
C ASN A 437 7.19 -16.78 17.36
N PHE A 438 8.41 -17.28 17.23
CA PHE A 438 8.67 -18.71 17.34
C PHE A 438 8.81 -19.19 18.78
N VAL A 439 9.02 -18.30 19.74
CA VAL A 439 9.25 -18.71 21.12
C VAL A 439 8.31 -17.96 22.06
N LYS A 440 7.20 -17.46 21.53
CA LYS A 440 6.26 -16.73 22.38
C LYS A 440 5.54 -17.66 23.35
N GLU A 441 5.46 -18.95 23.03
CA GLU A 441 4.78 -19.92 23.86
C GLU A 441 5.68 -21.11 24.17
N LYS A 442 6.89 -20.84 24.62
CA LYS A 442 7.90 -21.89 24.76
C LYS A 442 8.62 -21.68 26.10
N ASN A 443 9.77 -22.33 26.29
CA ASN A 443 10.45 -22.33 27.58
C ASN A 443 10.70 -20.91 28.09
N PHE A 444 10.71 -20.78 29.42
CA PHE A 444 10.82 -19.46 30.04
C PHE A 444 12.16 -18.80 29.71
N VAL A 445 13.25 -19.57 29.75
CA VAL A 445 14.58 -18.99 29.52
C VAL A 445 14.67 -18.44 28.10
N GLY A 446 14.01 -19.09 27.14
CA GLY A 446 13.99 -18.57 25.79
C GLY A 446 13.22 -17.27 25.68
N GLN A 447 12.12 -17.15 26.42
CA GLN A 447 11.29 -15.96 26.34
C GLN A 447 12.01 -14.73 26.91
N ILE A 448 12.72 -14.91 28.02
CA ILE A 448 13.27 -13.76 28.74
C ILE A 448 14.43 -13.14 27.98
N LEU A 449 15.20 -13.95 27.25
CA LEU A 449 16.29 -13.41 26.45
C LEU A 449 15.76 -12.63 25.25
N VAL A 450 14.71 -13.15 24.60
CA VAL A 450 14.15 -12.47 23.44
C VAL A 450 13.44 -11.19 23.87
N PHE A 451 12.76 -11.23 25.02
CA PHE A 451 12.07 -10.04 25.51
C PHE A 451 13.06 -8.92 25.80
N VAL A 452 14.20 -9.25 26.41
CA VAL A 452 15.25 -8.27 26.63
C VAL A 452 15.77 -7.76 25.29
N LEU A 453 15.99 -8.67 24.35
CA LEU A 453 16.47 -8.29 23.02
C LEU A 453 15.46 -7.38 22.32
N LEU A 454 14.18 -7.72 22.40
CA LEU A 454 13.16 -6.99 21.65
C LEU A 454 12.92 -5.61 22.25
N TYR A 455 12.79 -5.53 23.58
CA TYR A 455 12.30 -4.28 24.18
C TYR A 455 13.42 -3.35 24.60
N SER A 456 14.65 -3.87 24.76
CA SER A 456 15.78 -2.95 24.92
C SER A 456 16.00 -2.15 23.65
N SER A 457 15.85 -2.79 22.49
CA SER A 457 15.97 -2.08 21.22
C SER A 457 14.74 -1.24 20.94
N LEU A 458 13.56 -1.72 21.34
CA LEU A 458 12.33 -0.94 21.14
C LEU A 458 12.38 0.36 21.93
N TYR A 459 12.85 0.31 23.18
CA TYR A 459 13.00 1.53 23.96
C TYR A 459 14.09 2.42 23.38
N SER A 460 15.08 1.84 22.72
CA SER A 460 16.10 2.64 22.05
C SER A 460 15.50 3.44 20.90
N THR A 461 14.66 2.79 20.08
CA THR A 461 14.03 3.50 18.97
C THR A 461 13.15 4.63 19.47
N TYR A 462 12.44 4.42 20.57
CA TYR A 462 11.71 5.52 21.21
C TYR A 462 12.68 6.61 21.68
N LEU A 463 13.79 6.20 22.27
CA LEU A 463 14.74 7.17 22.82
C LEU A 463 15.58 7.81 21.72
N TRP A 464 15.91 7.05 20.67
CA TRP A 464 16.73 7.61 19.60
C TRP A 464 15.98 8.69 18.83
N THR A 465 14.64 8.66 18.86
CA THR A 465 13.87 9.74 18.26
C THR A 465 14.15 11.06 18.97
N GLY A 466 14.14 11.04 20.30
CA GLY A 466 14.47 12.25 21.05
C GLY A 466 15.92 12.66 20.90
N LEU A 467 16.83 11.69 20.96
CA LEU A 467 18.26 12.00 20.86
C LEU A 467 18.61 12.56 19.49
N LEU A 468 18.01 12.01 18.44
CA LEU A 468 18.24 12.55 17.10
C LEU A 468 17.73 13.97 16.98
N ALA A 469 16.57 14.26 17.59
CA ALA A 469 16.03 15.61 17.55
C ALA A 469 16.93 16.58 18.30
N ILE A 470 17.52 16.14 19.41
CA ILE A 470 18.49 16.97 20.13
C ILE A 470 19.71 17.23 19.25
N SER A 471 20.15 16.22 18.51
CA SER A 471 21.30 16.39 17.64
C SER A 471 21.03 17.43 16.56
N LEU A 472 19.82 17.43 16.01
CA LEU A 472 19.46 18.42 15.01
C LEU A 472 19.45 19.82 15.60
N PHE A 473 19.02 19.95 16.86
CA PHE A 473 19.00 21.25 17.51
C PHE A 473 20.41 21.82 17.66
N LEU A 474 21.37 20.99 18.06
CA LEU A 474 22.74 21.45 18.22
C LEU A 474 23.35 21.87 16.89
N LEU A 475 23.12 21.08 15.84
CA LEU A 475 23.65 21.42 14.52
C LEU A 475 22.98 22.67 13.96
N LYS A 476 21.66 22.79 14.14
CA LYS A 476 20.95 23.95 13.63
C LYS A 476 21.36 25.22 14.38
N LYS A 477 21.63 25.11 15.68
CA LYS A 477 22.07 26.26 16.46
C LYS A 477 23.39 26.80 15.94
N ARG A 478 24.20 25.96 15.31
CA ARG A 478 25.44 26.37 14.65
C ARG A 478 26.39 27.05 15.63
N GLU A 479 26.82 26.27 16.63
CA GLU A 479 27.75 26.75 17.64
C GLU A 479 29.03 25.94 17.61
N ARG A 480 30.05 26.45 18.30
CA ARG A 480 31.33 25.77 18.40
C ARG A 480 31.28 24.55 19.31
N VAL A 481 30.11 24.21 19.85
CA VAL A 481 29.98 23.08 20.76
C VAL A 481 30.42 21.80 20.06
N GLN A 482 30.95 20.85 20.84
CA GLN A 482 31.52 19.63 20.30
C GLN A 482 30.51 18.52 20.10
N ILE A 483 29.21 18.78 20.34
CA ILE A 483 28.10 17.84 20.15
C ILE A 483 28.50 16.46 20.66
N PRO A 484 28.48 16.25 21.99
CA PRO A 484 29.10 15.04 22.55
C PRO A 484 28.36 13.77 22.17
N VAL A 485 28.62 13.28 20.96
CA VAL A 485 27.97 12.07 20.47
C VAL A 485 28.40 10.86 21.31
N GLY A 486 29.57 10.96 21.95
CA GLY A 486 30.08 9.84 22.73
C GLY A 486 29.15 9.45 23.87
N ILE A 487 28.68 10.44 24.63
CA ILE A 487 27.76 10.16 25.73
C ILE A 487 26.35 9.96 25.21
N ILE A 488 26.05 10.50 24.03
CA ILE A 488 24.73 10.33 23.43
C ILE A 488 24.49 8.88 23.08
N ILE A 489 25.49 8.24 22.46
CA ILE A 489 25.36 6.83 22.09
C ILE A 489 25.24 5.96 23.33
N ILE A 490 26.02 6.27 24.37
CA ILE A 490 25.92 5.51 25.62
C ILE A 490 24.53 5.66 26.22
N SER A 491 24.01 6.90 26.24
CA SER A 491 22.67 7.13 26.77
C SER A 491 21.61 6.49 25.87
N GLY A 492 21.85 6.50 24.55
CA GLY A 492 20.87 5.95 23.63
C GLY A 492 20.64 4.47 23.81
N TRP A 493 21.69 3.72 24.12
CA TRP A 493 21.58 2.27 24.33
C TRP A 493 21.60 1.88 25.80
N GLY A 494 22.37 2.59 26.62
CA GLY A 494 22.47 2.21 28.03
C GLY A 494 21.18 2.40 28.79
N ILE A 495 20.52 3.54 28.60
CA ILE A 495 19.29 3.82 29.33
C ILE A 495 18.20 2.80 29.05
N PRO A 496 17.91 2.42 27.78
CA PRO A 496 16.93 1.35 27.57
C PRO A 496 17.31 0.04 28.23
N ALA A 497 18.60 -0.26 28.31
CA ALA A 497 19.04 -1.47 29.01
C ALA A 497 18.72 -1.38 30.50
N LEU A 498 18.91 -0.20 31.09
CA LEU A 498 18.57 -0.02 32.50
C LEU A 498 17.07 -0.15 32.74
N LEU A 499 16.26 0.41 31.84
CA LEU A 499 14.81 0.31 31.97
C LEU A 499 14.35 -1.14 31.91
N VAL A 500 14.93 -1.92 30.99
CA VAL A 500 14.62 -3.35 30.92
C VAL A 500 15.10 -4.05 32.17
N GLY A 501 16.31 -3.72 32.64
CA GLY A 501 16.81 -4.30 33.87
C GLY A 501 15.94 -3.97 35.07
N VAL A 502 15.48 -2.72 35.15
CA VAL A 502 14.54 -2.34 36.20
C VAL A 502 13.23 -3.11 36.04
N LEU A 503 12.78 -3.30 34.80
CA LEU A 503 11.53 -4.02 34.56
C LEU A 503 11.63 -5.47 35.03
N LEU A 504 12.78 -6.11 34.79
CA LEU A 504 12.93 -7.52 35.15
C LEU A 504 12.93 -7.71 36.66
N ILE A 505 13.70 -6.89 37.38
CA ILE A 505 13.79 -7.05 38.84
C ILE A 505 12.50 -6.63 39.51
N THR A 506 11.71 -5.77 38.87
CA THR A 506 10.41 -5.32 39.40
C THR A 506 9.35 -5.54 38.32
N GLY A 507 8.80 -6.75 38.28
CA GLY A 507 7.78 -7.06 37.30
C GLY A 507 7.27 -8.48 37.47
N LYS A 508 6.10 -8.74 36.91
CA LYS A 508 5.43 -10.03 37.01
C LYS A 508 5.45 -10.70 35.63
N HIS A 509 6.05 -11.89 35.57
CA HIS A 509 6.14 -12.63 34.32
C HIS A 509 4.79 -13.20 33.91
N ASN A 510 4.56 -13.23 32.60
CA ASN A 510 3.35 -13.83 32.03
C ASN A 510 3.76 -14.70 30.85
N GLY A 511 3.90 -16.01 31.10
CA GLY A 511 4.19 -16.93 30.01
C GLY A 511 2.99 -17.17 29.12
N ASP A 512 1.78 -16.99 29.68
CA ASP A 512 0.57 -17.17 28.90
C ASP A 512 0.39 -16.05 27.87
N SER A 513 0.89 -14.86 28.18
CA SER A 513 0.70 -13.69 27.33
C SER A 513 1.23 -13.91 25.92
N ILE A 514 0.34 -13.88 24.93
CA ILE A 514 0.77 -13.97 23.54
C ILE A 514 1.48 -12.69 23.13
N ASP A 515 0.92 -11.53 23.48
CA ASP A 515 1.49 -10.26 23.09
C ASP A 515 2.73 -9.97 23.93
N SER A 516 3.76 -9.41 23.28
CA SER A 516 4.97 -9.02 23.99
C SER A 516 4.78 -7.75 24.79
N ALA A 517 3.78 -6.93 24.46
CA ALA A 517 3.53 -5.70 25.22
C ALA A 517 3.03 -6.00 26.62
N PHE A 518 2.37 -7.15 26.81
CA PHE A 518 1.85 -7.55 28.10
C PHE A 518 2.66 -8.70 28.70
N PHE A 519 3.90 -8.90 28.24
CA PHE A 519 4.73 -9.96 28.80
C PHE A 519 4.97 -9.74 30.29
N TYR A 520 4.96 -8.48 30.72
CA TYR A 520 4.96 -8.12 32.13
C TYR A 520 3.64 -7.43 32.46
N GLY A 521 3.48 -7.07 33.72
CA GLY A 521 2.23 -6.52 34.20
C GLY A 521 2.03 -5.08 33.76
N LYS A 522 1.30 -4.34 34.58
CA LYS A 522 1.06 -2.92 34.35
C LYS A 522 2.37 -2.14 34.47
N GLU A 523 3.36 -2.72 35.13
CA GLU A 523 4.65 -2.05 35.27
C GLU A 523 5.31 -1.84 33.91
N GLN A 524 5.15 -2.80 33.00
CA GLN A 524 5.70 -2.64 31.66
C GLN A 524 5.05 -1.48 30.93
N MET A 525 3.74 -1.34 31.05
CA MET A 525 3.05 -0.20 30.46
C MET A 525 3.47 1.10 31.12
N ILE A 526 3.71 1.07 32.44
CA ILE A 526 4.27 2.24 33.11
C ILE A 526 5.66 2.54 32.57
N THR A 527 6.48 1.50 32.41
CA THR A 527 7.82 1.70 31.86
C THR A 527 7.75 2.16 30.41
N THR A 528 6.85 1.57 29.62
CA THR A 528 6.69 1.98 28.22
C THR A 528 6.18 3.40 28.12
N ALA A 529 5.20 3.76 28.95
CA ALA A 529 4.65 5.11 28.91
C ALA A 529 5.68 6.14 29.32
N VAL A 530 6.46 5.84 30.37
CA VAL A 530 7.49 6.77 30.81
C VAL A 530 8.55 6.97 29.72
N THR A 531 8.97 5.87 29.09
CA THR A 531 9.94 5.97 28.00
C THR A 531 9.38 6.77 26.83
N LEU A 532 8.11 6.52 26.48
CA LEU A 532 7.47 7.28 25.42
C LEU A 532 7.28 8.74 25.83
N PHE A 533 6.86 8.98 27.07
CA PHE A 533 6.52 10.32 27.51
C PHE A 533 7.74 11.24 27.45
N CYS A 534 8.85 10.81 28.06
CA CYS A 534 10.05 11.65 28.09
C CYS A 534 10.60 11.84 26.68
N SER A 535 10.49 10.82 25.83
CA SER A 535 11.03 10.92 24.47
C SER A 535 10.30 11.99 23.67
N ILE A 536 8.99 12.11 23.86
CA ILE A 536 8.21 13.08 23.08
C ILE A 536 8.63 14.50 23.41
N LEU A 537 8.80 14.81 24.69
CA LEU A 537 9.20 16.16 25.09
C LEU A 537 10.57 16.52 24.55
N ILE A 538 11.57 15.65 24.77
CA ILE A 538 12.92 15.98 24.34
C ILE A 538 12.99 16.07 22.82
N ALA A 539 12.19 15.26 22.13
CA ALA A 539 12.07 15.42 20.67
C ALA A 539 11.22 16.64 20.33
N GLY A 540 10.11 16.82 21.03
CA GLY A 540 9.22 17.93 20.73
C GLY A 540 9.84 19.29 21.01
N ILE A 541 10.51 19.41 22.17
CA ILE A 541 11.13 20.69 22.53
C ILE A 541 12.28 21.00 21.59
N SER A 542 13.10 19.99 21.26
CA SER A 542 14.25 20.21 20.40
C SER A 542 13.83 20.68 19.02
N LEU A 543 12.78 20.08 18.46
CA LEU A 543 12.26 20.54 17.17
C LEU A 543 11.69 21.96 17.29
N MET A 544 11.02 22.25 18.40
CA MET A 544 10.49 23.59 18.61
C MET A 544 11.61 24.61 18.72
N CYS A 545 12.70 24.27 19.41
CA CYS A 545 13.80 25.20 19.57
C CYS A 545 14.52 25.45 18.25
N MET A 546 14.43 24.51 17.31
CA MET A 546 14.99 24.75 15.99
C MET A 546 14.27 25.89 15.28
N ASN A 547 12.94 25.94 15.41
CA ASN A 547 12.17 27.00 14.79
C ASN A 547 12.54 28.36 15.38
N GLN A 548 12.72 28.43 16.69
CA GLN A 548 13.14 29.68 17.32
C GLN A 548 14.53 30.08 16.88
N THR A 549 15.43 29.10 16.72
CA THR A 549 16.77 29.39 16.23
C THR A 549 16.73 29.94 14.81
N ALA A 550 15.88 29.38 13.96
CA ALA A 550 15.74 29.85 12.58
C ALA A 550 15.06 31.21 12.54
N GLY A 655 28.66 20.34 6.15
CA GLY A 655 28.87 19.15 5.34
C GLY A 655 27.71 18.84 4.43
N ASP A 656 27.26 17.59 4.44
CA ASP A 656 26.16 17.13 3.62
C ASP A 656 25.00 16.61 4.48
N GLN A 657 24.73 17.29 5.59
CA GLN A 657 23.68 16.87 6.51
C GLN A 657 22.33 17.34 5.98
N GLN A 658 21.39 16.41 5.87
CA GLN A 658 20.04 16.72 5.41
C GLN A 658 19.15 17.00 6.61
N LEU A 659 19.08 18.27 7.00
CA LEU A 659 18.22 18.66 8.11
C LEU A 659 16.76 18.42 7.80
N THR A 660 16.34 18.76 6.56
CA THR A 660 14.94 18.58 6.19
C THR A 660 14.54 17.12 6.22
N ARG A 661 15.42 16.23 5.74
CA ARG A 661 15.14 14.80 5.76
C ARG A 661 15.13 14.27 7.19
N HIS A 662 16.08 14.72 8.00
CA HIS A 662 16.15 14.28 9.39
C HIS A 662 14.99 14.80 10.21
N VAL A 663 14.61 16.07 10.00
CA VAL A 663 13.48 16.64 10.73
C VAL A 663 12.18 15.92 10.34
N LEU A 664 12.03 15.62 9.05
CA LEU A 664 10.85 14.88 8.60
C LEU A 664 10.80 13.51 9.25
N LEU A 665 11.95 12.84 9.37
CA LEU A 665 12.00 11.54 10.03
C LEU A 665 11.58 11.65 11.48
N CYS A 666 12.06 12.68 12.18
CA CYS A 666 11.70 12.86 13.58
C CYS A 666 10.22 13.13 13.75
N LEU A 667 9.64 13.96 12.87
CA LEU A 667 8.22 14.27 12.97
C LEU A 667 7.37 13.03 12.72
N LEU A 668 7.75 12.21 11.73
CA LEU A 668 7.02 10.98 11.46
C LEU A 668 7.12 10.01 12.62
N LEU A 669 8.29 9.91 13.25
CA LEU A 669 8.46 9.02 14.39
C LEU A 669 7.63 9.48 15.58
N ILE A 670 7.55 10.80 15.81
CA ILE A 670 6.80 11.31 16.94
C ILE A 670 5.32 10.94 16.84
N ILE A 671 4.79 10.94 15.62
CA ILE A 671 3.40 10.51 15.41
C ILE A 671 3.21 9.08 15.91
N GLY A 672 4.18 8.21 15.63
CA GLY A 672 4.11 6.86 16.16
C GLY A 672 4.24 6.82 17.68
N LEU A 673 4.93 7.80 18.25
CA LEU A 673 5.03 7.86 19.71
C LEU A 673 3.73 8.34 20.34
N PHE A 674 2.99 9.21 19.64
CA PHE A 674 1.67 9.61 20.12
C PHE A 674 0.72 8.41 20.18
N ALA A 675 0.73 7.58 19.13
CA ALA A 675 -0.15 6.43 19.09
C ALA A 675 0.19 5.44 20.21
N ASN A 676 1.47 5.20 20.43
CA ASN A 676 1.88 4.24 21.45
C ASN A 676 1.64 4.79 22.85
N LEU A 677 1.89 6.08 23.05
CA LEU A 677 1.63 6.70 24.35
C LEU A 677 0.13 6.71 24.66
N SER A 678 -0.69 7.00 23.66
CA SER A 678 -2.13 6.95 23.84
C SER A 678 -2.60 5.54 24.16
N SER A 679 -2.02 4.55 23.49
CA SER A 679 -2.39 3.16 23.75
C SER A 679 -2.04 2.75 25.18
N CYS A 680 -0.88 3.17 25.66
CA CYS A 680 -0.48 2.82 27.03
C CYS A 680 -1.35 3.51 28.06
N LEU A 681 -1.62 4.80 27.87
CA LEU A 681 -2.46 5.53 28.82
C LEU A 681 -3.88 5.00 28.83
N TRP A 682 -4.41 4.64 27.65
CA TRP A 682 -5.76 4.08 27.58
C TRP A 682 -5.86 2.78 28.36
N TRP A 683 -4.85 1.92 28.24
CA TRP A 683 -4.89 0.63 28.93
C TRP A 683 -4.80 0.80 30.44
N LEU A 684 -3.97 1.74 30.90
CA LEU A 684 -3.82 1.95 32.33
C LEU A 684 -5.12 2.40 32.98
N PHE A 685 -5.86 3.29 32.31
CA PHE A 685 -7.14 3.75 32.84
C PHE A 685 -8.21 2.67 32.72
N ASN A 686 -8.25 1.98 31.58
CA ASN A 686 -9.22 0.91 31.33
C ASN A 686 -8.47 -0.31 30.81
N GLN A 687 -8.43 -1.37 31.62
CA GLN A 687 -7.72 -2.58 31.19
C GLN A 687 -8.50 -3.34 30.14
N GLU A 688 -9.83 -3.24 30.16
CA GLU A 688 -10.65 -4.06 29.29
C GLU A 688 -10.55 -3.58 27.84
N PRO A 689 -10.17 -4.46 26.90
CA PRO A 689 -10.17 -4.08 25.48
C PRO A 689 -11.49 -4.38 24.80
N GLY A 690 -11.56 -4.15 23.48
CA GLY A 690 -12.73 -4.42 22.69
C GLY A 690 -13.24 -3.23 21.89
N ARG A 691 -12.98 -2.00 22.35
CA ARG A 691 -13.40 -0.79 21.67
C ARG A 691 -12.31 -0.41 20.67
N LEU A 692 -12.32 0.84 20.19
CA LEU A 692 -11.32 1.30 19.22
C LEU A 692 -9.89 1.05 19.68
N TYR A 693 -9.69 0.61 20.92
CA TYR A 693 -8.38 0.13 21.36
C TYR A 693 -7.83 -0.93 20.42
N VAL A 694 -8.69 -1.84 19.95
CA VAL A 694 -8.21 -2.95 19.13
C VAL A 694 -7.69 -2.45 17.79
N GLU A 695 -8.34 -1.44 17.22
CA GLU A 695 -7.78 -0.80 16.02
C GLU A 695 -6.56 0.04 16.39
N LEU A 696 -6.58 0.66 17.57
CA LEU A 696 -5.40 1.39 18.02
C LEU A 696 -4.22 0.46 18.28
N GLN A 697 -4.50 -0.72 18.84
CA GLN A 697 -3.44 -1.70 19.08
C GLN A 697 -2.83 -2.16 17.76
N PHE A 698 -3.65 -2.34 16.73
CA PHE A 698 -3.16 -2.78 15.43
C PHE A 698 -2.22 -1.75 14.82
N PHE A 699 -2.58 -0.47 14.91
CA PHE A 699 -1.76 0.57 14.31
C PHE A 699 -0.50 0.83 15.13
N CYS A 700 -0.58 0.63 16.44
CA CYS A 700 0.62 0.73 17.27
C CYS A 700 1.61 -0.37 16.92
N ALA A 701 1.11 -1.59 16.69
CA ALA A 701 1.99 -2.68 16.28
C ALA A 701 2.55 -2.44 14.88
N VAL A 702 1.79 -1.75 14.03
CA VAL A 702 2.28 -1.43 12.69
C VAL A 702 3.48 -0.50 12.78
N PHE A 703 3.40 0.52 13.64
CA PHE A 703 4.48 1.49 13.74
C PHE A 703 5.73 0.87 14.35
N ASN A 704 5.58 0.12 15.45
CA ASN A 704 6.74 -0.36 16.19
C ASN A 704 7.66 -1.19 15.30
N PHE A 705 7.10 -1.96 14.39
CA PHE A 705 7.88 -2.83 13.52
C PHE A 705 7.89 -2.37 12.07
N GLY A 706 7.09 -1.36 11.73
CA GLY A 706 7.10 -0.82 10.38
C GLY A 706 7.91 0.45 10.22
N GLN A 707 8.40 1.02 11.33
CA GLN A 707 9.16 2.27 11.27
C GLN A 707 10.34 2.19 10.32
N GLY A 708 10.84 0.98 10.08
CA GLY A 708 11.98 0.80 9.20
C GLY A 708 11.67 1.26 7.86
N PHE A 709 10.45 1.06 7.46
CA PHE A 709 9.93 1.52 6.21
C PHE A 709 9.84 3.02 6.31
N ILE A 710 9.41 3.51 7.42
CA ILE A 710 9.52 4.99 7.47
C ILE A 710 10.93 5.53 7.30
N SER A 711 12.00 4.90 7.79
CA SER A 711 13.38 5.38 7.49
C SER A 711 14.00 4.98 6.18
N PHE A 712 13.43 4.02 5.47
CA PHE A 712 13.86 3.68 4.15
C PHE A 712 13.22 4.53 3.16
N GLY A 713 12.00 4.96 3.35
CA GLY A 713 11.45 5.92 2.40
C GLY A 713 12.28 7.18 2.29
N ILE A 714 12.95 7.56 3.37
CA ILE A 714 13.71 8.81 3.41
C ILE A 714 15.16 8.56 3.00
N PHE A 715 15.80 7.56 3.60
CA PHE A 715 17.24 7.39 3.40
C PHE A 715 17.54 6.19 2.51
N GLY A 716 16.70 5.16 2.54
CA GLY A 716 16.95 4.00 1.70
C GLY A 716 16.78 4.28 0.22
N LEU A 717 15.75 5.06 -0.14
CA LEU A 717 15.43 5.26 -1.54
C LEU A 717 16.44 6.15 -2.24
N ASP A 718 16.83 7.26 -1.62
CA ASP A 718 17.64 8.28 -2.29
C ASP A 718 19.09 7.81 -2.37
N LYS A 719 19.29 6.74 -3.16
CA LYS A 719 20.64 6.25 -3.40
C LYS A 719 21.46 7.26 -4.22
N HIS A 720 20.88 7.77 -5.29
CA HIS A 720 21.50 8.75 -6.18
C HIS A 720 22.91 8.28 -6.55
N LEU A 721 23.85 9.21 -6.65
CA LEU A 721 25.24 8.92 -6.97
C LEU A 721 26.16 9.05 -5.76
N ILE A 722 25.60 9.05 -4.54
CA ILE A 722 26.45 9.17 -3.36
C ILE A 722 27.31 7.92 -3.19
N ILE A 723 26.80 6.77 -3.62
CA ILE A 723 27.56 5.51 -3.58
C ILE A 723 27.61 4.80 -4.92
N LEU A 724 26.87 5.27 -5.93
CA LEU A 724 26.84 4.55 -7.20
C LEU A 724 28.22 4.43 -7.84
N PRO A 725 29.02 5.49 -7.93
CA PRO A 725 30.43 5.28 -8.32
C PRO A 725 31.20 4.44 -7.31
N PHE A 726 30.87 4.56 -6.03
CA PHE A 726 31.56 3.79 -5.00
C PHE A 726 31.29 2.30 -5.16
N LYS A 727 30.03 1.92 -5.39
CA LYS A 727 29.70 0.51 -5.55
C LYS A 727 30.13 -0.02 -6.90
N ARG A 728 30.25 0.86 -7.90
CA ARG A 728 30.64 0.44 -9.24
C ARG A 728 32.15 0.16 -9.29
#